data_5HAM
#
_entry.id   5HAM
#
_cell.length_a   173.496
_cell.length_b   173.496
_cell.length_c   55.516
_cell.angle_alpha   90.00
_cell.angle_beta   90.00
_cell.angle_gamma   120.00
#
_symmetry.space_group_name_H-M   'H 3'
#
loop_
_entity.id
_entity.type
_entity.pdbx_description
1 polymer RickCE
2 water water
#
_entity_poly.entity_id   1
_entity_poly.type   'polypeptide(L)'
_entity_poly.pdbx_seq_one_letter_code
;GPEIKDYWYTENEITHLLTAQLDEKKFSVQPAITFRNTALTEEMLKDYTAKGEEKNKILAEVQETIKIANLIPDKEERAL
MLGDAKKREEILKLSDAEREKLKNDLLRGGEAQQQINEDILNRATKDIKDNGKEAAVIPIEMGYGHWTVLVAKYDKKDNQ
IILTFNDSLGNSINYDGQKLPKLIDKTLGNLPNKPIIIDEQTKQQTDQSACGVFTVDNGIKIAKGQAILSTEESKGEKGL
RLREHHAQILTDAMFKQDAQWIRQQMKTNNNAPD
;
_entity_poly.pdbx_strand_id   A,B
#
# COMPACT_ATOMS: atom_id res chain seq x y z
N ASP A 6 -4.08 -11.79 6.53
CA ASP A 6 -4.57 -12.81 7.46
C ASP A 6 -3.79 -12.74 8.77
N TYR A 7 -2.71 -13.50 8.86
CA TYR A 7 -1.75 -13.24 9.91
C TYR A 7 -1.21 -11.80 9.75
N TRP A 8 -0.96 -11.37 8.51
CA TRP A 8 -0.31 -10.07 8.29
C TRP A 8 -1.23 -8.92 8.63
N TYR A 9 -0.77 -8.05 9.52
CA TYR A 9 -1.51 -6.85 9.91
C TYR A 9 -1.62 -5.90 8.73
N THR A 10 -2.73 -5.21 8.65
CA THR A 10 -2.83 -4.09 7.71
C THR A 10 -2.75 -2.81 8.51
N GLU A 11 -2.61 -1.69 7.80
CA GLU A 11 -2.51 -0.37 8.43
C GLU A 11 -3.70 -0.11 9.35
N ASN A 12 -4.84 -0.68 9.01
CA ASN A 12 -6.06 -0.47 9.73
C ASN A 12 -5.96 -0.95 11.16
N GLU A 13 -5.44 -2.16 11.34
CA GLU A 13 -5.26 -2.71 12.68
C GLU A 13 -4.18 -1.97 13.44
N ILE A 14 -3.07 -1.70 12.76
CA ILE A 14 -1.95 -1.05 13.41
C ILE A 14 -2.41 0.29 13.99
N THR A 15 -3.14 1.05 13.17
CA THR A 15 -3.67 2.35 13.56
C THR A 15 -4.64 2.24 14.73
N HIS A 16 -5.56 1.28 14.70
CA HIS A 16 -6.52 1.08 15.79
C HIS A 16 -5.85 0.65 17.08
N LEU A 17 -4.96 -0.34 16.96
CA LEU A 17 -4.22 -0.82 18.10
C LEU A 17 -3.45 0.30 18.78
N LEU A 18 -2.84 1.17 17.97
CA LEU A 18 -2.04 2.28 18.50
C LEU A 18 -2.92 3.29 19.19
N THR A 19 -3.95 3.73 18.47
CA THR A 19 -4.94 4.66 19.00
C THR A 19 -5.59 4.17 20.30
N ALA A 20 -5.89 2.89 20.38
CA ALA A 20 -6.52 2.31 21.56
C ALA A 20 -5.58 2.28 22.77
N GLN A 21 -4.28 2.22 22.52
CA GLN A 21 -3.34 2.09 23.61
C GLN A 21 -2.52 3.35 23.84
N LEU A 22 -2.93 4.45 23.21
CA LEU A 22 -2.23 5.72 23.37
C LEU A 22 -3.19 6.88 23.67
N ASP A 23 -2.92 7.60 24.75
CA ASP A 23 -3.65 8.82 25.11
C ASP A 23 -3.49 9.91 24.03
N GLU A 24 -4.60 10.20 23.34
CA GLU A 24 -4.56 11.11 22.18
C GLU A 24 -4.20 12.53 22.55
N LYS A 25 -4.40 12.90 23.81
CA LYS A 25 -4.02 14.22 24.29
C LYS A 25 -2.50 14.42 24.32
N LYS A 26 -1.79 13.32 24.49
CA LYS A 26 -0.35 13.35 24.68
C LYS A 26 0.38 12.83 23.44
N PHE A 27 -0.24 11.87 22.76
CA PHE A 27 0.39 11.17 21.65
C PHE A 27 -0.45 11.29 20.39
N SER A 28 0.19 11.56 19.27
CA SER A 28 -0.54 11.51 17.99
C SER A 28 -0.09 10.33 17.16
N VAL A 29 -1.06 9.56 16.70
CA VAL A 29 -0.81 8.48 15.78
C VAL A 29 -0.99 8.94 14.35
N GLN A 30 0.09 8.87 13.56
CA GLN A 30 0.05 9.34 12.18
C GLN A 30 -0.41 8.23 11.24
N PRO A 31 -0.90 8.59 10.05
CA PRO A 31 -1.11 7.59 9.01
C PRO A 31 0.24 7.04 8.55
N ALA A 32 0.24 5.83 7.97
CA ALA A 32 1.49 5.20 7.58
C ALA A 32 2.26 5.93 6.51
N ILE A 33 3.57 6.03 6.71
CA ILE A 33 4.47 6.32 5.61
C ILE A 33 4.72 5.02 4.88
N THR A 34 4.59 5.04 3.56
CA THR A 34 4.74 3.82 2.77
C THR A 34 5.77 4.00 1.64
N PHE A 35 6.64 3.02 1.50
CA PHE A 35 7.61 3.04 0.42
C PHE A 35 7.32 1.89 -0.51
N ARG A 36 7.55 2.11 -1.79
CA ARG A 36 7.57 1.01 -2.72
C ARG A 36 8.88 0.27 -2.45
N ASN A 37 8.92 -1.02 -2.77
CA ASN A 37 10.15 -1.80 -2.66
C ASN A 37 10.86 -1.99 -4.00
N THR A 38 10.13 -1.73 -5.09
CA THR A 38 10.74 -1.73 -6.41
C THR A 38 11.10 -0.34 -6.86
N ALA A 39 12.25 -0.21 -7.50
CA ALA A 39 12.65 1.07 -8.05
C ALA A 39 12.04 1.25 -9.43
N LEU A 40 11.64 2.48 -9.74
CA LEU A 40 11.24 2.89 -11.08
C LEU A 40 12.47 3.19 -11.92
N THR A 41 12.60 2.56 -13.08
CA THR A 41 13.71 2.83 -14.00
C THR A 41 13.24 3.23 -15.39
N GLU A 42 14.09 3.95 -16.11
CA GLU A 42 13.84 4.34 -17.48
C GLU A 42 13.55 3.13 -18.37
N GLU A 43 14.19 2.00 -18.08
CA GLU A 43 13.98 0.78 -18.85
C GLU A 43 12.60 0.17 -18.58
N MET A 44 12.16 0.20 -17.32
CA MET A 44 10.83 -0.29 -16.99
C MET A 44 9.77 0.50 -17.76
N LEU A 45 9.94 1.82 -17.84
CA LEU A 45 8.93 2.69 -18.46
C LEU A 45 8.81 2.49 -19.97
N LYS A 46 9.81 1.85 -20.58
CA LYS A 46 9.75 1.54 -22.00
C LYS A 46 8.58 0.61 -22.33
N ASP A 47 8.08 -0.08 -21.31
CA ASP A 47 6.87 -0.88 -21.46
C ASP A 47 5.70 0.01 -21.86
N TYR A 48 5.80 1.29 -21.51
CA TYR A 48 4.76 2.26 -21.85
C TYR A 48 5.13 3.16 -23.05
N THR A 49 6.42 3.42 -23.25
CA THR A 49 6.85 4.44 -24.21
C THR A 49 7.42 3.89 -25.53
N ALA A 50 7.89 2.65 -25.52
CA ALA A 50 8.46 2.04 -26.72
C ALA A 50 7.41 1.86 -27.80
N LYS A 51 7.80 2.21 -29.02
CA LYS A 51 6.93 2.13 -30.17
C LYS A 51 7.68 1.39 -31.27
N GLY A 52 6.96 0.99 -32.31
CA GLY A 52 7.58 0.36 -33.46
C GLY A 52 8.43 -0.85 -33.15
N GLU A 53 9.68 -0.82 -33.59
CA GLU A 53 10.53 -1.99 -33.44
C GLU A 53 11.00 -2.19 -32.01
N GLU A 54 11.32 -1.09 -31.31
CA GLU A 54 11.69 -1.19 -29.89
C GLU A 54 10.56 -1.89 -29.13
N LYS A 55 9.33 -1.47 -29.37
CA LYS A 55 8.16 -2.12 -28.78
C LYS A 55 8.06 -3.60 -29.16
N ASN A 56 8.31 -3.93 -30.42
CA ASN A 56 8.17 -5.31 -30.87
C ASN A 56 9.18 -6.21 -30.18
N LYS A 57 10.35 -5.66 -29.92
CA LYS A 57 11.41 -6.41 -29.28
C LYS A 57 11.05 -6.74 -27.84
N ILE A 58 10.42 -5.78 -27.18
CA ILE A 58 10.02 -5.99 -25.79
C ILE A 58 8.88 -7.01 -25.70
N LEU A 59 7.88 -6.87 -26.55
CA LEU A 59 6.78 -7.83 -26.58
C LEU A 59 7.32 -9.24 -26.78
N ALA A 60 8.27 -9.35 -27.68
CA ALA A 60 8.96 -10.61 -27.95
C ALA A 60 9.60 -11.19 -26.69
N GLU A 61 10.37 -10.38 -25.96
CA GLU A 61 11.00 -10.91 -24.75
C GLU A 61 9.97 -11.29 -23.69
N VAL A 62 8.89 -10.52 -23.60
CA VAL A 62 7.85 -10.81 -22.62
C VAL A 62 7.25 -12.18 -22.89
N GLN A 63 6.97 -12.44 -24.16
CA GLN A 63 6.33 -13.68 -24.56
C GLN A 63 7.24 -14.89 -24.29
N GLU A 64 8.54 -14.63 -24.31
CA GLU A 64 9.52 -15.68 -24.06
C GLU A 64 9.60 -15.94 -22.56
N THR A 65 9.58 -14.86 -21.79
CA THR A 65 9.55 -14.95 -20.35
C THR A 65 8.39 -15.81 -19.87
N ILE A 66 7.20 -15.50 -20.40
CA ILE A 66 6.00 -16.26 -20.09
C ILE A 66 6.27 -17.73 -20.28
N LYS A 67 6.92 -18.05 -21.41
CA LYS A 67 7.26 -19.43 -21.71
C LYS A 67 8.24 -20.06 -20.69
N ILE A 68 9.12 -19.25 -20.12
CA ILE A 68 10.07 -19.77 -19.14
C ILE A 68 9.52 -19.68 -17.72
N ALA A 69 8.91 -18.54 -17.40
CA ALA A 69 8.34 -18.32 -16.06
C ALA A 69 7.37 -19.43 -15.70
N ASN A 70 6.73 -19.98 -16.72
CA ASN A 70 5.94 -21.19 -16.56
C ASN A 70 6.71 -22.34 -15.90
N LEU A 71 8.04 -22.36 -16.07
CA LEU A 71 8.85 -23.51 -15.65
C LEU A 71 9.47 -23.36 -14.26
N ILE A 72 9.39 -22.18 -13.67
CA ILE A 72 9.96 -21.93 -12.33
C ILE A 72 9.40 -22.94 -11.32
N PRO A 73 10.29 -23.64 -10.62
CA PRO A 73 9.85 -24.79 -9.81
C PRO A 73 9.03 -24.39 -8.57
N ASP A 74 9.46 -23.37 -7.83
CA ASP A 74 8.66 -22.84 -6.73
C ASP A 74 7.32 -22.33 -7.24
N LYS A 75 6.24 -22.90 -6.71
CA LYS A 75 4.88 -22.59 -7.18
C LYS A 75 4.46 -21.14 -6.95
N GLU A 76 4.83 -20.60 -5.81
CA GLU A 76 4.44 -19.24 -5.43
C GLU A 76 5.22 -18.23 -6.23
N GLU A 77 6.51 -18.50 -6.40
CA GLU A 77 7.38 -17.61 -7.16
C GLU A 77 6.99 -17.64 -8.64
N ARG A 78 6.60 -18.81 -9.11
CA ARG A 78 6.19 -19.00 -10.50
C ARG A 78 4.96 -18.15 -10.81
N ALA A 79 3.97 -18.24 -9.94
CA ALA A 79 2.70 -17.54 -10.12
C ALA A 79 2.89 -16.03 -10.14
N LEU A 80 3.80 -15.55 -9.30
CA LEU A 80 4.09 -14.12 -9.23
C LEU A 80 4.78 -13.65 -10.51
N MET A 81 5.83 -14.35 -10.92
CA MET A 81 6.58 -13.92 -12.09
C MET A 81 5.74 -14.05 -13.37
N LEU A 82 4.97 -15.13 -13.44
CA LEU A 82 4.14 -15.40 -14.59
C LEU A 82 3.00 -14.39 -14.67
N GLY A 83 2.35 -14.13 -13.54
CA GLY A 83 1.26 -13.17 -13.53
C GLY A 83 1.74 -11.80 -14.00
N ASP A 84 2.91 -11.39 -13.52
CA ASP A 84 3.48 -10.13 -13.96
C ASP A 84 3.89 -10.10 -15.46
N ALA A 85 4.36 -11.22 -15.99
CA ALA A 85 4.71 -11.26 -17.41
C ALA A 85 3.45 -11.11 -18.24
N LYS A 86 2.41 -11.84 -17.86
CA LYS A 86 1.13 -11.76 -18.55
C LYS A 86 0.56 -10.35 -18.50
N LYS A 87 0.71 -9.70 -17.35
CA LYS A 87 0.23 -8.33 -17.24
C LYS A 87 0.99 -7.41 -18.18
N ARG A 88 2.30 -7.63 -18.26
CA ARG A 88 3.15 -6.87 -19.17
C ARG A 88 2.76 -7.10 -20.62
N GLU A 89 2.43 -8.34 -20.95
CA GLU A 89 1.99 -8.62 -22.30
C GLU A 89 0.73 -7.80 -22.61
N GLU A 90 -0.18 -7.68 -21.64
CA GLU A 90 -1.42 -6.95 -21.87
C GLU A 90 -1.14 -5.48 -22.11
N ILE A 91 -0.22 -4.94 -21.32
CA ILE A 91 0.16 -3.55 -21.44
C ILE A 91 0.74 -3.26 -22.81
N LEU A 92 1.60 -4.14 -23.29
CA LEU A 92 2.25 -3.91 -24.57
C LEU A 92 1.28 -4.01 -25.73
N LYS A 93 0.15 -4.69 -25.50
CA LYS A 93 -0.91 -4.80 -26.51
C LYS A 93 -1.82 -3.56 -26.62
N LEU A 94 -1.79 -2.68 -25.62
CA LEU A 94 -2.61 -1.48 -25.65
C LEU A 94 -2.17 -0.48 -26.70
N SER A 95 -3.03 0.50 -26.99
CA SER A 95 -2.68 1.61 -27.86
C SER A 95 -1.60 2.47 -27.22
N ASP A 96 -0.78 3.11 -28.06
CA ASP A 96 0.28 3.99 -27.57
C ASP A 96 -0.26 5.05 -26.63
N ALA A 97 -1.44 5.57 -26.98
CA ALA A 97 -2.10 6.58 -26.16
C ALA A 97 -2.48 6.05 -24.78
N GLU A 98 -2.98 4.83 -24.71
CA GLU A 98 -3.34 4.29 -23.40
C GLU A 98 -2.11 3.89 -22.61
N ARG A 99 -1.05 3.48 -23.29
CA ARG A 99 0.14 3.11 -22.57
C ARG A 99 0.72 4.37 -21.93
N GLU A 100 0.65 5.47 -22.67
CA GLU A 100 1.04 6.78 -22.17
C GLU A 100 0.28 7.22 -20.90
N LYS A 101 -1.05 7.06 -20.90
CA LYS A 101 -1.87 7.41 -19.72
C LYS A 101 -1.49 6.53 -18.53
N LEU A 102 -1.26 5.26 -18.82
CA LEU A 102 -0.90 4.32 -17.78
C LEU A 102 0.39 4.77 -17.11
N LYS A 103 1.37 5.14 -17.93
CA LYS A 103 2.65 5.65 -17.44
C LYS A 103 2.48 6.89 -16.58
N ASN A 104 1.62 7.79 -17.03
CA ASN A 104 1.37 9.04 -16.29
C ASN A 104 0.69 8.75 -14.96
N ASP A 105 -0.26 7.81 -14.95
CA ASP A 105 -0.90 7.36 -13.71
C ASP A 105 0.16 6.87 -12.73
N LEU A 106 1.04 6.01 -13.23
CA LEU A 106 2.12 5.46 -12.43
C LEU A 106 2.99 6.57 -11.85
N LEU A 107 3.34 7.54 -12.68
CA LEU A 107 4.21 8.62 -12.22
C LEU A 107 3.46 9.51 -11.23
N ARG A 108 2.17 9.73 -11.48
CA ARG A 108 1.36 10.58 -10.59
C ARG A 108 1.24 10.00 -9.19
N GLY A 109 0.98 8.70 -9.11
CA GLY A 109 0.89 7.99 -7.85
C GLY A 109 2.19 8.03 -7.05
N GLY A 110 3.30 7.84 -7.74
CA GLY A 110 4.60 7.85 -7.10
C GLY A 110 4.93 9.23 -6.55
N GLU A 111 4.54 10.26 -7.29
CA GLU A 111 4.76 11.63 -6.85
C GLU A 111 3.87 11.97 -5.65
N ALA A 112 2.62 11.51 -5.69
CA ALA A 112 1.69 11.71 -4.58
C ALA A 112 2.22 11.05 -3.31
N GLN A 113 2.56 9.77 -3.44
CA GLN A 113 3.18 9.00 -2.36
C GLN A 113 4.38 9.69 -1.67
N GLN A 114 5.32 10.22 -2.45
CA GLN A 114 6.46 10.88 -1.83
C GLN A 114 6.08 12.22 -1.18
N GLN A 115 5.15 12.95 -1.78
CA GLN A 115 4.67 14.17 -1.12
C GLN A 115 3.85 13.90 0.16
N ILE A 116 3.07 12.83 0.14
CA ILE A 116 2.25 12.47 1.30
C ILE A 116 3.17 11.97 2.41
N ASN A 117 4.20 11.20 2.04
CA ASN A 117 5.19 10.75 3.02
C ASN A 117 5.87 11.94 3.70
N GLU A 118 6.30 12.93 2.93
CA GLU A 118 6.82 14.15 3.54
C GLU A 118 5.81 14.87 4.44
N ASP A 119 4.56 14.96 3.99
CA ASP A 119 3.54 15.63 4.80
C ASP A 119 3.30 14.96 6.15
N ILE A 120 3.39 13.63 6.19
CA ILE A 120 3.22 12.91 7.44
C ILE A 120 4.37 13.19 8.39
N LEU A 121 5.59 13.17 7.88
CA LEU A 121 6.73 13.53 8.70
C LEU A 121 6.62 14.96 9.22
N ASN A 122 6.20 15.88 8.35
CA ASN A 122 6.02 17.27 8.78
C ASN A 122 4.88 17.47 9.79
N ARG A 123 3.75 16.80 9.57
CA ARG A 123 2.63 16.86 10.50
C ARG A 123 3.06 16.32 11.87
N ALA A 124 3.80 15.22 11.87
CA ALA A 124 4.28 14.62 13.10
C ALA A 124 5.15 15.61 13.84
N THR A 125 6.00 16.30 13.08
CA THR A 125 6.88 17.33 13.63
C THR A 125 6.10 18.53 14.16
N LYS A 126 5.02 18.88 13.47
CA LYS A 126 4.20 19.99 13.94
C LYS A 126 3.51 19.62 15.25
N ASP A 127 3.06 18.37 15.33
CA ASP A 127 2.40 17.88 16.55
C ASP A 127 3.26 18.00 17.79
N ILE A 128 4.52 17.55 17.72
CA ILE A 128 5.37 17.56 18.90
C ILE A 128 6.01 18.93 19.16
N LYS A 129 6.10 19.75 18.12
CA LYS A 129 6.81 21.02 18.26
C LYS A 129 5.85 22.19 18.51
N ASP A 130 4.61 22.08 18.04
CA ASP A 130 3.67 23.19 18.16
C ASP A 130 2.37 22.86 18.88
N ASN A 131 1.97 21.60 18.87
CA ASN A 131 0.65 21.20 19.41
C ASN A 131 0.67 20.50 20.76
N GLY A 132 1.80 20.54 21.45
CA GLY A 132 1.89 20.02 22.81
C GLY A 132 2.00 18.51 23.01
N LYS A 133 2.07 17.75 21.93
CA LYS A 133 2.18 16.29 22.02
C LYS A 133 3.57 15.90 22.49
N GLU A 134 3.67 14.82 23.27
CA GLU A 134 5.01 14.39 23.65
C GLU A 134 5.63 13.36 22.71
N ALA A 135 4.81 12.76 21.85
CA ALA A 135 5.30 11.83 20.83
C ALA A 135 4.35 11.72 19.66
N ALA A 136 4.91 11.52 18.49
CA ALA A 136 4.16 11.22 17.29
C ALA A 136 4.63 9.87 16.81
N VAL A 137 3.69 8.96 16.62
CA VAL A 137 4.02 7.60 16.22
C VAL A 137 3.65 7.41 14.74
N ILE A 138 4.63 7.01 13.94
CA ILE A 138 4.42 6.81 12.51
C ILE A 138 4.74 5.37 12.10
N PRO A 139 3.70 4.61 11.72
CA PRO A 139 3.92 3.27 11.18
C PRO A 139 4.59 3.43 9.84
N ILE A 140 5.64 2.65 9.56
CA ILE A 140 6.34 2.74 8.30
C ILE A 140 6.38 1.40 7.58
N GLU A 141 5.79 1.36 6.39
CA GLU A 141 5.81 0.16 5.56
C GLU A 141 6.97 0.22 4.57
N MET A 142 8.01 -0.57 4.83
CA MET A 142 9.21 -0.61 3.98
C MET A 142 9.01 -1.45 2.75
N GLY A 143 7.82 -1.99 2.61
CA GLY A 143 7.49 -2.86 1.49
C GLY A 143 6.24 -3.58 1.93
N TYR A 144 5.62 -4.34 1.04
CA TYR A 144 4.35 -4.99 1.34
C TYR A 144 4.38 -5.79 2.66
N GLY A 145 3.66 -5.28 3.66
CA GLY A 145 3.55 -5.94 4.94
C GLY A 145 4.80 -5.86 5.80
N HIS A 146 5.84 -5.22 5.29
CA HIS A 146 7.08 -5.05 6.05
C HIS A 146 6.91 -3.85 6.97
N TRP A 147 6.19 -4.06 8.06
CA TRP A 147 5.81 -2.96 8.94
C TRP A 147 6.92 -2.70 9.93
N THR A 148 7.21 -1.41 10.13
CA THR A 148 8.20 -0.94 11.08
C THR A 148 7.65 0.34 11.72
N VAL A 149 8.37 0.93 12.67
CA VAL A 149 7.83 2.10 13.35
C VAL A 149 8.85 3.23 13.53
N LEU A 150 8.38 4.46 13.40
CA LEU A 150 9.21 5.61 13.65
C LEU A 150 8.51 6.56 14.62
N VAL A 151 9.13 6.83 15.76
CA VAL A 151 8.53 7.70 16.76
C VAL A 151 9.29 9.01 16.88
N ALA A 152 8.56 10.11 16.81
CA ALA A 152 9.13 11.45 16.79
C ALA A 152 8.90 12.14 18.11
N LYS A 153 9.98 12.70 18.67
CA LYS A 153 9.89 13.44 19.92
C LYS A 153 10.71 14.72 19.83
N TYR A 154 10.43 15.64 20.74
CA TYR A 154 10.99 16.97 20.64
C TYR A 154 11.54 17.42 21.98
N ASP A 155 12.83 17.76 21.98
CA ASP A 155 13.44 18.40 23.13
C ASP A 155 13.44 19.92 22.96
N LYS A 156 12.52 20.59 23.65
CA LYS A 156 12.35 22.04 23.52
C LYS A 156 13.54 22.81 24.03
N LYS A 157 14.13 22.33 25.13
CA LYS A 157 15.28 23.00 25.74
C LYS A 157 16.42 23.13 24.74
N ASP A 158 16.58 22.13 23.86
CA ASP A 158 17.64 22.19 22.86
C ASP A 158 17.09 22.42 21.45
N ASN A 159 15.78 22.60 21.35
CA ASN A 159 15.14 22.75 20.04
C ASN A 159 15.56 21.60 19.11
N GLN A 160 15.36 20.38 19.59
CA GLN A 160 15.96 19.21 18.96
C GLN A 160 14.93 18.14 18.68
N ILE A 161 14.76 17.79 17.39
CA ILE A 161 13.91 16.69 16.99
C ILE A 161 14.66 15.35 17.10
N ILE A 162 14.03 14.39 17.75
CA ILE A 162 14.62 13.07 17.93
C ILE A 162 13.68 11.99 17.37
N LEU A 163 14.18 11.19 16.43
CA LEU A 163 13.38 10.14 15.78
C LEU A 163 13.91 8.76 16.14
N THR A 164 13.02 7.92 16.68
CA THR A 164 13.41 6.60 17.13
C THR A 164 12.74 5.53 16.27
N PHE A 165 13.55 4.63 15.73
CA PHE A 165 13.09 3.60 14.79
C PHE A 165 13.35 2.17 15.28
N ASN A 166 12.45 1.26 14.96
CA ASN A 166 12.82 -0.14 15.00
C ASN A 166 12.18 -1.02 13.94
N ASP A 167 12.92 -2.04 13.51
CA ASP A 167 12.43 -3.05 12.57
C ASP A 167 12.52 -4.38 13.29
N SER A 168 11.38 -4.99 13.57
CA SER A 168 11.34 -6.27 14.29
C SER A 168 12.06 -7.43 13.58
N LEU A 169 12.17 -7.36 12.26
CA LEU A 169 12.89 -8.36 11.49
C LEU A 169 14.40 -8.29 11.67
N GLY A 170 14.89 -7.23 12.30
CA GLY A 170 16.32 -7.05 12.53
C GLY A 170 17.11 -6.33 11.44
N ASN A 171 16.42 -5.65 10.52
CA ASN A 171 17.09 -4.75 9.57
C ASN A 171 17.34 -3.40 10.21
N SER A 172 18.37 -2.70 9.74
CA SER A 172 18.61 -1.34 10.23
C SER A 172 17.63 -0.42 9.52
N ILE A 173 17.58 0.83 9.96
CA ILE A 173 16.76 1.87 9.34
C ILE A 173 17.21 2.18 7.91
N ASN A 174 18.37 1.64 7.49
CA ASN A 174 18.91 1.85 6.14
C ASN A 174 18.42 0.86 5.12
N TYR A 175 17.59 -0.07 5.59
CA TYR A 175 16.96 -1.07 4.75
C TYR A 175 16.55 -0.53 3.35
N ASP A 176 16.93 -1.27 2.32
CA ASP A 176 16.51 -1.00 0.95
C ASP A 176 16.95 0.37 0.42
N GLY A 177 18.27 0.60 0.43
CA GLY A 177 18.87 1.79 -0.14
C GLY A 177 18.72 3.10 0.60
N GLN A 178 18.49 3.03 1.91
CA GLN A 178 18.42 4.23 2.74
C GLN A 178 17.24 5.10 2.38
N LYS A 179 16.20 4.48 1.85
CA LYS A 179 15.02 5.22 1.46
C LYS A 179 14.43 6.08 2.60
N LEU A 180 14.34 5.53 3.80
CA LEU A 180 13.77 6.28 4.94
C LEU A 180 14.69 7.45 5.42
N PRO A 181 15.98 7.17 5.65
CA PRO A 181 16.86 8.30 5.98
C PRO A 181 16.90 9.35 4.88
N LYS A 182 16.78 8.94 3.62
CA LYS A 182 16.68 9.92 2.52
C LYS A 182 15.42 10.77 2.67
N LEU A 183 14.33 10.15 3.11
CA LEU A 183 13.09 10.90 3.31
C LEU A 183 13.25 11.87 4.46
N ILE A 184 13.81 11.39 5.56
CA ILE A 184 13.97 12.21 6.75
C ILE A 184 14.79 13.44 6.43
N ASP A 185 15.90 13.23 5.73
CA ASP A 185 16.74 14.37 5.36
C ASP A 185 16.10 15.29 4.32
N LYS A 186 15.35 14.74 3.38
CA LYS A 186 14.63 15.59 2.43
C LYS A 186 13.63 16.47 3.16
N THR A 187 12.97 15.92 4.17
CA THR A 187 11.90 16.62 4.86
C THR A 187 12.38 17.56 5.96
N LEU A 188 13.36 17.10 6.73
CA LEU A 188 13.73 17.78 7.97
C LEU A 188 15.19 18.20 8.04
N GLY A 189 15.95 17.92 6.98
CA GLY A 189 17.37 18.24 6.98
C GLY A 189 17.68 19.73 6.90
N ASN A 190 16.63 20.56 6.93
CA ASN A 190 16.80 22.00 6.84
C ASN A 190 16.50 22.69 8.15
N LEU A 191 16.11 21.90 9.16
CA LEU A 191 15.81 22.41 10.49
C LEU A 191 17.06 23.06 11.06
N PRO A 192 16.88 23.98 12.03
CA PRO A 192 18.05 24.60 12.66
C PRO A 192 18.99 23.52 13.16
N ASN A 193 18.42 22.51 13.80
CA ASN A 193 19.19 21.36 14.25
C ASN A 193 18.78 20.11 13.50
N LYS A 194 19.77 19.41 12.93
CA LYS A 194 19.49 18.19 12.20
C LYS A 194 18.78 17.22 13.13
N PRO A 195 17.81 16.48 12.59
CA PRO A 195 17.09 15.49 13.40
C PRO A 195 18.07 14.44 13.86
N ILE A 196 18.01 14.09 15.13
CA ILE A 196 18.80 12.98 15.63
C ILE A 196 18.04 11.66 15.44
N ILE A 197 18.73 10.68 14.87
CA ILE A 197 18.13 9.40 14.61
C ILE A 197 18.67 8.33 15.56
N ILE A 198 17.77 7.68 16.27
CA ILE A 198 18.12 6.56 17.11
C ILE A 198 17.52 5.28 16.52
N ASP A 199 18.39 4.38 16.09
CA ASP A 199 17.97 3.10 15.52
C ASP A 199 18.14 2.02 16.58
N GLU A 200 17.03 1.49 17.06
CA GLU A 200 17.05 0.52 18.16
C GLU A 200 17.68 -0.76 17.69
N GLN A 201 17.68 -0.92 16.36
CA GLN A 201 18.09 -2.15 15.66
C GLN A 201 17.95 -3.41 16.51
N THR A 202 16.72 -3.71 16.89
CA THR A 202 16.52 -4.84 17.77
C THR A 202 15.75 -5.91 17.02
N LYS A 203 16.47 -6.96 16.62
CA LYS A 203 15.82 -8.07 15.96
C LYS A 203 14.87 -8.69 16.97
N GLN A 204 13.61 -8.83 16.58
CA GLN A 204 12.63 -9.40 17.50
C GLN A 204 12.09 -10.73 17.01
N GLN A 205 11.66 -10.77 15.75
CA GLN A 205 11.17 -12.01 15.17
C GLN A 205 11.35 -11.94 13.67
N THR A 206 11.81 -13.04 13.08
CA THR A 206 12.11 -13.02 11.65
C THR A 206 10.95 -13.43 10.76
N ASP A 207 9.78 -13.69 11.33
CA ASP A 207 8.59 -13.89 10.53
C ASP A 207 8.02 -12.53 10.12
N GLN A 208 7.87 -12.34 8.81
CA GLN A 208 7.27 -11.11 8.32
C GLN A 208 5.83 -10.97 8.80
N SER A 209 5.20 -12.08 9.15
CA SER A 209 3.86 -12.03 9.72
C SER A 209 3.84 -11.24 11.03
N ALA A 210 4.97 -11.22 11.73
CA ALA A 210 5.00 -10.63 13.06
C ALA A 210 5.34 -9.14 13.07
N CYS A 211 5.72 -8.60 11.91
CA CYS A 211 6.03 -7.16 11.77
C CYS A 211 4.99 -6.21 12.34
N GLY A 212 3.71 -6.46 12.06
CA GLY A 212 2.67 -5.58 12.56
C GLY A 212 2.46 -5.73 14.06
N VAL A 213 2.66 -6.95 14.57
CA VAL A 213 2.50 -7.20 15.99
C VAL A 213 3.49 -6.34 16.77
N PHE A 214 4.76 -6.41 16.38
CA PHE A 214 5.83 -5.66 17.06
C PHE A 214 5.88 -4.18 16.74
N THR A 215 5.48 -3.80 15.53
CA THR A 215 5.33 -2.40 15.19
C THR A 215 4.44 -1.72 16.22
N VAL A 216 3.35 -2.39 16.57
CA VAL A 216 2.41 -1.80 17.52
C VAL A 216 3.05 -1.72 18.89
N ASP A 217 3.61 -2.83 19.35
CA ASP A 217 4.19 -2.85 20.68
C ASP A 217 5.39 -1.90 20.82
N ASN A 218 6.26 -1.88 19.81
CA ASN A 218 7.42 -0.97 19.83
C ASN A 218 6.98 0.49 19.83
N GLY A 219 6.04 0.83 18.95
CA GLY A 219 5.58 2.21 18.84
C GLY A 219 5.02 2.72 20.16
N ILE A 220 4.13 1.92 20.76
CA ILE A 220 3.60 2.23 22.07
C ILE A 220 4.68 2.41 23.14
N LYS A 221 5.61 1.46 23.18
CA LYS A 221 6.66 1.53 24.19
C LYS A 221 7.61 2.70 23.99
N ILE A 222 8.09 2.89 22.77
CA ILE A 222 8.96 4.00 22.45
C ILE A 222 8.25 5.32 22.71
N ALA A 223 6.98 5.43 22.30
CA ALA A 223 6.21 6.65 22.58
C ALA A 223 6.25 7.01 24.08
N LYS A 224 6.13 5.98 24.93
CA LYS A 224 6.08 6.17 26.38
C LYS A 224 7.47 6.20 27.05
N GLY A 225 8.52 6.16 26.25
CA GLY A 225 9.87 6.24 26.79
C GLY A 225 10.34 4.96 27.46
N GLN A 226 9.68 3.84 27.15
CA GLN A 226 9.99 2.54 27.77
C GLN A 226 10.79 1.68 26.81
N ALA A 227 11.65 0.82 27.37
CA ALA A 227 12.43 -0.08 26.52
C ALA A 227 11.51 -1.04 25.77
N ILE A 228 11.78 -1.22 24.48
CA ILE A 228 11.09 -2.23 23.69
C ILE A 228 11.51 -3.64 24.09
N LEU A 229 10.80 -4.65 23.61
CA LEU A 229 11.12 -6.03 23.93
C LEU A 229 12.45 -6.42 23.31
N SER A 230 13.38 -6.89 24.12
CA SER A 230 14.70 -7.22 23.61
C SER A 230 14.63 -8.44 22.72
N THR A 231 15.75 -8.73 22.06
CA THR A 231 15.84 -9.94 21.24
C THR A 231 15.52 -11.14 22.11
N GLU A 232 16.07 -11.16 23.32
CA GLU A 232 15.88 -12.26 24.26
C GLU A 232 14.40 -12.48 24.64
N GLU A 233 13.74 -11.42 25.09
CA GLU A 233 12.32 -11.50 25.46
C GLU A 233 11.40 -11.77 24.26
N SER A 234 11.88 -11.56 23.06
CA SER A 234 11.02 -11.66 21.89
C SER A 234 10.94 -13.07 21.38
N LYS A 235 11.89 -13.90 21.82
CA LYS A 235 11.93 -15.30 21.42
C LYS A 235 10.66 -16.03 21.85
N GLY A 236 10.45 -17.23 21.33
CA GLY A 236 9.36 -18.08 21.76
C GLY A 236 8.00 -17.66 21.24
N GLU A 237 6.99 -17.72 22.11
CA GLU A 237 5.62 -17.40 21.70
C GLU A 237 5.17 -15.97 22.04
N LYS A 238 6.13 -15.09 22.35
CA LYS A 238 5.83 -13.71 22.68
C LYS A 238 5.00 -13.05 21.57
N GLY A 239 5.43 -13.22 20.31
CA GLY A 239 4.68 -12.76 19.16
C GLY A 239 3.24 -13.26 19.17
N LEU A 240 3.04 -14.53 19.52
CA LEU A 240 1.69 -15.06 19.68
C LEU A 240 0.90 -14.36 20.79
N ARG A 241 1.51 -14.25 21.97
CA ARG A 241 0.82 -13.65 23.12
C ARG A 241 0.44 -12.20 22.84
N LEU A 242 1.34 -11.48 22.17
CA LEU A 242 1.07 -10.11 21.79
C LEU A 242 -0.12 -10.07 20.85
N ARG A 243 -0.12 -11.00 19.89
CA ARG A 243 -1.20 -11.08 18.90
C ARG A 243 -2.55 -11.40 19.55
N GLU A 244 -2.55 -12.33 20.50
CA GLU A 244 -3.75 -12.68 21.24
C GLU A 244 -4.21 -11.45 21.97
N HIS A 245 -3.30 -10.83 22.69
CA HIS A 245 -3.58 -9.61 23.42
C HIS A 245 -4.17 -8.54 22.50
N HIS A 246 -3.54 -8.33 21.33
CA HIS A 246 -4.03 -7.38 20.35
C HIS A 246 -5.44 -7.70 19.87
N ALA A 247 -5.73 -8.99 19.70
CA ALA A 247 -7.08 -9.38 19.30
C ALA A 247 -8.14 -9.02 20.37
N GLN A 248 -7.79 -9.17 21.65
CA GLN A 248 -8.65 -8.76 22.77
C GLN A 248 -8.92 -7.26 22.75
N ILE A 249 -7.87 -6.46 22.60
CA ILE A 249 -8.01 -5.01 22.52
C ILE A 249 -8.93 -4.66 21.35
N LEU A 250 -8.68 -5.30 20.22
CA LEU A 250 -9.53 -5.15 19.04
C LEU A 250 -10.94 -5.62 19.33
N THR A 251 -11.08 -6.81 19.93
CA THR A 251 -12.38 -7.37 20.25
C THR A 251 -13.14 -6.44 21.19
N ASP A 252 -12.41 -5.81 22.10
CA ASP A 252 -12.99 -4.79 22.95
C ASP A 252 -13.29 -3.50 22.19
N ALA A 253 -13.84 -3.67 20.97
CA ALA A 253 -14.30 -2.61 20.07
C ALA A 253 -14.63 -3.17 18.68
N MET A 254 -13.59 -3.61 17.95
CA MET A 254 -13.70 -3.95 16.54
C MET A 254 -13.43 -5.43 16.24
N PHE A 255 -14.51 -6.21 16.23
CA PHE A 255 -14.47 -7.67 16.11
C PHE A 255 -13.79 -8.19 14.84
N LYS A 256 -14.09 -7.58 13.69
CA LYS A 256 -13.63 -8.09 12.38
C LYS A 256 -12.11 -8.09 12.25
N GLN A 257 -11.46 -7.21 13.00
CA GLN A 257 -10.02 -7.06 12.94
C GLN A 257 -9.32 -8.02 13.90
N ASP A 258 -10.02 -8.42 14.94
CA ASP A 258 -9.61 -9.54 15.78
C ASP A 258 -9.60 -10.85 14.95
N ALA A 259 -10.69 -11.10 14.23
CA ALA A 259 -10.80 -12.29 13.38
C ALA A 259 -9.71 -12.33 12.30
N GLN A 260 -9.40 -11.16 11.72
CA GLN A 260 -8.32 -11.04 10.76
C GLN A 260 -7.00 -11.50 11.37
N TRP A 261 -6.60 -10.87 12.47
CA TRP A 261 -5.36 -11.20 13.18
C TRP A 261 -5.30 -12.67 13.63
N ILE A 262 -6.46 -13.32 13.70
CA ILE A 262 -6.56 -14.71 14.16
C ILE A 262 -6.30 -15.77 13.06
N ARG A 263 -6.65 -15.45 11.81
CA ARG A 263 -6.43 -16.34 10.64
C ARG A 263 -5.01 -16.95 10.60
N GLN A 264 -4.83 -18.02 9.84
CA GLN A 264 -3.53 -18.71 9.83
C GLN A 264 -2.53 -18.19 8.80
N GLN A 265 -3.00 -18.06 7.56
CA GLN A 265 -2.16 -17.78 6.39
C GLN A 265 -1.39 -19.03 5.94
N ASP B 6 -3.72 13.70 2.69
CA ASP B 6 -4.17 15.09 2.70
C ASP B 6 -5.51 15.18 1.99
N TYR B 7 -5.48 15.42 0.69
CA TYR B 7 -6.68 15.25 -0.08
C TYR B 7 -6.94 13.75 -0.21
N TRP B 8 -5.87 12.99 -0.46
CA TRP B 8 -6.00 11.57 -0.79
C TRP B 8 -6.40 10.71 0.40
N TYR B 9 -7.51 9.97 0.27
CA TYR B 9 -7.97 9.08 1.35
C TYR B 9 -7.04 7.91 1.55
N THR B 10 -7.01 7.41 2.77
CA THR B 10 -6.36 6.12 3.04
C THR B 10 -7.39 5.03 3.25
N GLU B 11 -6.91 3.79 3.36
CA GLU B 11 -7.76 2.63 3.59
C GLU B 11 -8.46 2.82 4.92
N ASN B 12 -7.71 3.42 5.84
CA ASN B 12 -8.18 3.69 7.19
C ASN B 12 -9.47 4.50 7.14
N GLU B 13 -9.47 5.58 6.37
CA GLU B 13 -10.63 6.46 6.26
C GLU B 13 -11.78 5.82 5.51
N ILE B 14 -11.45 5.08 4.46
CA ILE B 14 -12.45 4.45 3.62
C ILE B 14 -13.21 3.39 4.43
N THR B 15 -12.45 2.57 5.15
CA THR B 15 -13.06 1.56 6.00
C THR B 15 -14.05 2.15 6.99
N HIS B 16 -13.58 3.12 7.78
CA HIS B 16 -14.42 3.79 8.78
C HIS B 16 -15.68 4.38 8.17
N LEU B 17 -15.53 5.07 7.04
CA LEU B 17 -16.67 5.71 6.39
C LEU B 17 -17.66 4.64 5.99
N LEU B 18 -17.16 3.57 5.40
CA LEU B 18 -18.03 2.45 5.02
C LEU B 18 -18.76 1.84 6.21
N THR B 19 -18.04 1.53 7.27
CA THR B 19 -18.67 0.87 8.41
C THR B 19 -19.68 1.78 9.11
N ALA B 20 -19.38 3.08 9.16
CA ALA B 20 -20.30 4.07 9.70
C ALA B 20 -21.64 4.10 8.96
N GLN B 21 -21.60 3.98 7.64
CA GLN B 21 -22.81 4.17 6.86
C GLN B 21 -23.50 2.86 6.44
N LEU B 22 -22.93 1.72 6.82
CA LEU B 22 -23.50 0.44 6.43
C LEU B 22 -23.83 -0.40 7.64
N ASP B 23 -25.06 -0.87 7.69
CA ASP B 23 -25.51 -1.76 8.76
C ASP B 23 -24.75 -3.08 8.70
N GLU B 24 -23.91 -3.31 9.70
CA GLU B 24 -23.03 -4.48 9.75
C GLU B 24 -23.76 -5.82 9.82
N LYS B 25 -25.08 -5.78 10.00
CA LYS B 25 -25.85 -7.01 10.07
C LYS B 25 -26.06 -7.60 8.67
N LYS B 26 -26.38 -6.74 7.71
CA LYS B 26 -26.67 -7.19 6.35
C LYS B 26 -25.50 -7.01 5.38
N PHE B 27 -24.50 -6.20 5.77
CA PHE B 27 -23.37 -5.87 4.89
C PHE B 27 -22.01 -6.10 5.53
N SER B 28 -21.15 -6.83 4.84
CA SER B 28 -19.76 -6.94 5.29
C SER B 28 -18.86 -5.93 4.56
N VAL B 29 -18.04 -5.23 5.33
CA VAL B 29 -17.02 -4.37 4.77
C VAL B 29 -15.68 -5.07 4.87
N GLN B 30 -15.07 -5.34 3.72
CA GLN B 30 -13.81 -6.08 3.63
C GLN B 30 -12.58 -5.17 3.65
N PRO B 31 -11.42 -5.73 4.05
CA PRO B 31 -10.18 -4.99 3.95
C PRO B 31 -9.83 -4.81 2.48
N ALA B 32 -9.00 -3.83 2.16
CA ALA B 32 -8.70 -3.53 0.77
C ALA B 32 -7.93 -4.64 0.06
N ILE B 33 -8.30 -4.85 -1.19
CA ILE B 33 -7.50 -5.61 -2.12
C ILE B 33 -6.60 -4.57 -2.79
N THR B 34 -5.31 -4.84 -2.80
CA THR B 34 -4.34 -3.89 -3.33
C THR B 34 -3.45 -4.56 -4.36
N PHE B 35 -3.21 -3.84 -5.45
CA PHE B 35 -2.41 -4.31 -6.57
C PHE B 35 -1.22 -3.41 -6.66
N ARG B 36 -0.08 -3.94 -7.05
CA ARG B 36 0.99 -3.01 -7.34
C ARG B 36 0.81 -2.45 -8.76
N ASN B 37 1.53 -1.38 -9.03
CA ASN B 37 1.42 -0.62 -10.25
C ASN B 37 2.49 -1.04 -11.26
N THR B 38 3.57 -1.65 -10.76
CA THR B 38 4.63 -2.09 -11.64
C THR B 38 4.75 -3.61 -11.67
N ALA B 39 5.22 -4.13 -12.79
CA ALA B 39 5.45 -5.55 -12.89
C ALA B 39 6.87 -5.87 -12.49
N LEU B 40 7.04 -7.06 -11.93
CA LEU B 40 8.34 -7.55 -11.53
C LEU B 40 8.92 -8.34 -12.70
N THR B 41 10.15 -8.07 -13.08
CA THR B 41 10.76 -8.81 -14.17
C THR B 41 12.16 -9.31 -13.78
N GLU B 42 12.60 -10.34 -14.47
CA GLU B 42 13.93 -10.92 -14.26
C GLU B 42 15.02 -9.88 -14.53
N GLU B 43 14.77 -8.99 -15.46
CA GLU B 43 15.71 -7.92 -15.73
C GLU B 43 15.89 -7.03 -14.51
N MET B 44 14.78 -6.68 -13.86
CA MET B 44 14.82 -5.84 -12.67
C MET B 44 15.55 -6.56 -11.56
N LEU B 45 15.28 -7.86 -11.43
CA LEU B 45 15.81 -8.68 -10.33
C LEU B 45 17.32 -8.81 -10.37
N LYS B 46 17.91 -8.51 -11.52
CA LYS B 46 19.35 -8.59 -11.71
C LYS B 46 20.09 -7.57 -10.85
N ASP B 47 19.39 -6.53 -10.41
CA ASP B 47 19.95 -5.60 -9.43
C ASP B 47 20.32 -6.33 -8.14
N TYR B 48 19.67 -7.47 -7.88
CA TYR B 48 20.01 -8.24 -6.70
C TYR B 48 20.90 -9.40 -7.09
N THR B 49 20.68 -9.90 -8.30
CA THR B 49 21.27 -11.14 -8.78
C THR B 49 22.68 -10.97 -9.35
N ALA B 50 22.88 -9.93 -10.16
CA ALA B 50 24.09 -9.81 -10.97
C ALA B 50 25.37 -9.75 -10.15
N LYS B 51 26.36 -10.50 -10.57
CA LYS B 51 27.64 -10.52 -9.88
C LYS B 51 28.74 -10.16 -10.87
N GLY B 52 29.85 -9.65 -10.35
CA GLY B 52 31.03 -9.44 -11.16
C GLY B 52 30.96 -8.32 -12.17
N GLU B 53 31.30 -8.63 -13.41
CA GLU B 53 31.35 -7.63 -14.47
C GLU B 53 29.94 -7.18 -14.84
N GLU B 54 29.00 -8.11 -14.76
CA GLU B 54 27.61 -7.80 -15.05
C GLU B 54 27.12 -6.76 -14.06
N LYS B 55 27.46 -6.96 -12.79
CA LYS B 55 27.13 -5.99 -11.76
C LYS B 55 27.74 -4.64 -12.10
N ASN B 56 28.95 -4.65 -12.66
CA ASN B 56 29.64 -3.42 -13.03
C ASN B 56 28.93 -2.63 -14.11
N LYS B 57 28.51 -3.34 -15.15
CA LYS B 57 27.81 -2.73 -16.26
C LYS B 57 26.53 -2.10 -15.75
N ILE B 58 25.78 -2.84 -14.94
CA ILE B 58 24.53 -2.35 -14.38
C ILE B 58 24.74 -1.13 -13.49
N LEU B 59 25.77 -1.18 -12.66
CA LEU B 59 26.09 -0.02 -11.83
C LEU B 59 26.43 1.19 -12.69
N ALA B 60 27.11 0.94 -13.81
CA ALA B 60 27.43 2.01 -14.75
C ALA B 60 26.14 2.58 -15.30
N GLU B 61 25.26 1.70 -15.77
CA GLU B 61 23.96 2.10 -16.31
C GLU B 61 23.18 2.95 -15.30
N VAL B 62 23.21 2.52 -14.04
CA VAL B 62 22.54 3.25 -12.96
C VAL B 62 23.06 4.68 -12.80
N GLN B 63 24.38 4.83 -12.86
CA GLN B 63 25.01 6.14 -12.69
C GLN B 63 24.63 7.06 -13.84
N GLU B 64 24.40 6.43 -14.97
CA GLU B 64 23.99 7.14 -16.16
C GLU B 64 22.55 7.59 -15.99
N THR B 65 21.68 6.71 -15.50
CA THR B 65 20.29 7.09 -15.26
C THR B 65 20.17 8.21 -14.24
N ILE B 66 21.15 8.33 -13.35
CA ILE B 66 21.12 9.42 -12.38
C ILE B 66 21.30 10.75 -13.08
N LYS B 67 22.29 10.80 -13.98
CA LYS B 67 22.54 11.99 -14.78
C LYS B 67 21.33 12.37 -15.63
N ILE B 68 20.62 11.38 -16.15
CA ILE B 68 19.39 11.61 -16.91
C ILE B 68 18.25 12.12 -16.03
N ALA B 69 18.00 11.43 -14.92
CA ALA B 69 16.95 11.81 -13.99
C ALA B 69 17.10 13.25 -13.55
N ASN B 70 18.35 13.67 -13.45
CA ASN B 70 18.65 15.00 -12.99
C ASN B 70 18.19 16.09 -13.94
N LEU B 71 18.00 15.72 -15.20
CA LEU B 71 17.61 16.71 -16.20
C LEU B 71 16.11 16.74 -16.42
N ILE B 72 15.38 15.86 -15.75
CA ILE B 72 13.93 15.85 -15.89
C ILE B 72 13.38 17.22 -15.52
N PRO B 73 12.63 17.85 -16.45
CA PRO B 73 12.19 19.22 -16.23
C PRO B 73 11.13 19.38 -15.10
N ASP B 74 10.28 18.38 -14.91
CA ASP B 74 9.32 18.45 -13.80
C ASP B 74 9.90 18.06 -12.44
N LYS B 75 9.76 18.98 -11.49
CA LYS B 75 10.37 18.86 -10.16
C LYS B 75 10.03 17.57 -9.46
N GLU B 76 8.75 17.24 -9.44
CA GLU B 76 8.26 16.03 -8.78
C GLU B 76 8.71 14.76 -9.49
N GLU B 77 8.58 14.73 -10.81
CA GLU B 77 9.00 13.56 -11.56
C GLU B 77 10.51 13.44 -11.42
N ARG B 78 11.19 14.57 -11.40
CA ARG B 78 12.63 14.54 -11.20
C ARG B 78 12.98 13.86 -9.88
N ALA B 79 12.36 14.34 -8.80
CA ALA B 79 12.58 13.77 -7.46
C ALA B 79 12.29 12.29 -7.43
N LEU B 80 11.18 11.90 -8.05
CA LEU B 80 10.77 10.50 -8.09
C LEU B 80 11.82 9.64 -8.79
N MET B 81 12.12 10.00 -10.04
CA MET B 81 13.05 9.22 -10.84
C MET B 81 14.47 9.26 -10.29
N LEU B 82 14.86 10.42 -9.76
CA LEU B 82 16.21 10.59 -9.24
C LEU B 82 16.36 9.83 -7.92
N GLY B 83 15.34 9.93 -7.07
CA GLY B 83 15.35 9.22 -5.80
C GLY B 83 15.48 7.72 -6.01
N ASP B 84 14.76 7.21 -7.00
CA ASP B 84 14.74 5.77 -7.23
C ASP B 84 16.05 5.28 -7.83
N ALA B 85 16.66 6.11 -8.66
CA ALA B 85 17.94 5.79 -9.28
C ALA B 85 19.05 5.68 -8.23
N LYS B 86 19.05 6.62 -7.28
CA LYS B 86 20.02 6.56 -6.18
C LYS B 86 19.82 5.38 -5.21
N LYS B 87 18.57 4.95 -5.01
CA LYS B 87 18.30 3.77 -4.22
C LYS B 87 18.95 2.55 -4.88
N ARG B 88 18.80 2.47 -6.19
CA ARG B 88 19.39 1.40 -6.95
C ARG B 88 20.90 1.43 -6.80
N GLU B 89 21.46 2.64 -6.90
CA GLU B 89 22.88 2.80 -6.77
C GLU B 89 23.34 2.22 -5.45
N GLU B 90 22.55 2.47 -4.40
CA GLU B 90 22.84 1.95 -3.06
C GLU B 90 22.69 0.43 -2.97
N ILE B 91 21.62 -0.09 -3.54
CA ILE B 91 21.42 -1.53 -3.58
C ILE B 91 22.59 -2.28 -4.23
N LEU B 92 23.15 -1.69 -5.27
CA LEU B 92 24.27 -2.31 -6.02
C LEU B 92 25.58 -2.33 -5.25
N LYS B 93 25.65 -1.57 -4.17
CA LYS B 93 26.87 -1.49 -3.38
C LYS B 93 26.84 -2.46 -2.20
N LEU B 94 25.73 -3.13 -2.01
CA LEU B 94 25.57 -4.05 -0.90
C LEU B 94 26.26 -5.36 -1.19
N SER B 95 26.46 -6.18 -0.16
CA SER B 95 27.03 -7.51 -0.39
C SER B 95 26.01 -8.34 -1.15
N ASP B 96 26.52 -9.33 -1.88
CA ASP B 96 25.69 -10.21 -2.67
C ASP B 96 24.65 -10.89 -1.79
N ALA B 97 25.00 -11.10 -0.53
CA ALA B 97 24.10 -11.74 0.44
C ALA B 97 22.98 -10.81 0.96
N GLU B 98 23.26 -9.53 1.13
CA GLU B 98 22.17 -8.63 1.52
C GLU B 98 21.33 -8.26 0.31
N ARG B 99 21.95 -8.26 -0.87
CA ARG B 99 21.20 -8.06 -2.10
C ARG B 99 20.22 -9.23 -2.32
N GLU B 100 20.69 -10.45 -2.02
CA GLU B 100 19.85 -11.64 -2.09
C GLU B 100 18.68 -11.61 -1.10
N LYS B 101 18.93 -11.02 0.07
CA LYS B 101 17.90 -10.86 1.10
C LYS B 101 16.79 -9.92 0.61
N LEU B 102 17.18 -8.84 -0.05
CA LEU B 102 16.22 -7.88 -0.58
C LEU B 102 15.32 -8.53 -1.63
N LYS B 103 15.95 -9.26 -2.55
CA LYS B 103 15.25 -10.02 -3.56
C LYS B 103 14.19 -10.90 -2.90
N ASN B 104 14.59 -11.62 -1.88
CA ASN B 104 13.68 -12.51 -1.17
C ASN B 104 12.56 -11.80 -0.42
N ASP B 105 12.86 -10.63 0.15
CA ASP B 105 11.81 -9.82 0.78
C ASP B 105 10.82 -9.37 -0.26
N LEU B 106 11.36 -8.97 -1.41
CA LEU B 106 10.57 -8.48 -2.52
C LEU B 106 9.57 -9.56 -2.96
N LEU B 107 10.07 -10.78 -3.15
CA LEU B 107 9.25 -11.88 -3.59
C LEU B 107 8.25 -12.30 -2.52
N ARG B 108 8.69 -12.36 -1.27
CA ARG B 108 7.82 -12.79 -0.16
C ARG B 108 6.61 -11.90 -0.09
N GLY B 109 6.84 -10.61 -0.33
CA GLY B 109 5.78 -9.62 -0.30
C GLY B 109 4.83 -9.75 -1.48
N GLY B 110 5.40 -9.94 -2.66
CA GLY B 110 4.59 -10.16 -3.85
C GLY B 110 3.71 -11.39 -3.71
N GLU B 111 4.28 -12.44 -3.16
CA GLU B 111 3.49 -13.66 -2.98
C GLU B 111 2.42 -13.46 -1.93
N ALA B 112 2.77 -12.80 -0.84
CA ALA B 112 1.82 -12.54 0.23
C ALA B 112 0.65 -11.69 -0.28
N GLN B 113 0.97 -10.63 -1.02
CA GLN B 113 -0.05 -9.75 -1.55
C GLN B 113 -1.06 -10.50 -2.44
N GLN B 114 -0.53 -11.37 -3.30
CA GLN B 114 -1.39 -12.23 -4.12
C GLN B 114 -2.31 -13.12 -3.26
N GLN B 115 -1.73 -13.76 -2.24
CA GLN B 115 -2.50 -14.66 -1.38
C GLN B 115 -3.58 -13.95 -0.57
N ILE B 116 -3.24 -12.81 0.01
CA ILE B 116 -4.18 -12.07 0.83
C ILE B 116 -5.31 -11.52 -0.04
N ASN B 117 -4.97 -11.07 -1.24
CA ASN B 117 -5.99 -10.63 -2.21
C ASN B 117 -7.02 -11.70 -2.52
N GLU B 118 -6.56 -12.95 -2.67
CA GLU B 118 -7.47 -14.07 -2.93
C GLU B 118 -8.33 -14.35 -1.70
N ASP B 119 -7.69 -14.38 -0.53
CA ASP B 119 -8.38 -14.62 0.72
C ASP B 119 -9.50 -13.62 0.94
N ILE B 120 -9.25 -12.37 0.58
CA ILE B 120 -10.23 -11.32 0.77
C ILE B 120 -11.40 -11.57 -0.16
N LEU B 121 -11.10 -11.88 -1.40
CA LEU B 121 -12.13 -12.20 -2.35
C LEU B 121 -12.94 -13.40 -1.88
N ASN B 122 -12.25 -14.40 -1.32
CA ASN B 122 -12.91 -15.58 -0.80
C ASN B 122 -13.77 -15.31 0.44
N ARG B 123 -13.22 -14.54 1.38
CA ARG B 123 -13.96 -14.20 2.59
C ARG B 123 -15.24 -13.46 2.24
N ALA B 124 -15.16 -12.61 1.21
CA ALA B 124 -16.28 -11.80 0.78
C ALA B 124 -17.39 -12.67 0.21
N THR B 125 -16.99 -13.65 -0.60
CA THR B 125 -17.89 -14.67 -1.14
C THR B 125 -18.63 -15.42 -0.04
N LYS B 126 -17.89 -15.85 0.97
CA LYS B 126 -18.44 -16.61 2.08
C LYS B 126 -19.45 -15.79 2.88
N ASP B 127 -19.15 -14.50 3.05
CA ASP B 127 -20.00 -13.63 3.85
C ASP B 127 -21.40 -13.52 3.27
N ILE B 128 -21.49 -13.50 1.94
CA ILE B 128 -22.78 -13.33 1.26
C ILE B 128 -23.46 -14.66 0.92
N LYS B 129 -22.66 -15.72 0.84
CA LYS B 129 -23.19 -17.04 0.50
C LYS B 129 -23.62 -17.83 1.74
N ASP B 130 -22.84 -17.76 2.82
CA ASP B 130 -23.12 -18.53 4.03
C ASP B 130 -23.58 -17.70 5.24
N ASN B 131 -23.11 -16.46 5.33
CA ASN B 131 -23.40 -15.62 6.50
C ASN B 131 -24.59 -14.68 6.30
N GLY B 132 -25.37 -14.95 5.25
CA GLY B 132 -26.58 -14.20 4.99
C GLY B 132 -26.40 -12.72 4.71
N LYS B 133 -25.18 -12.31 4.35
CA LYS B 133 -24.97 -10.91 4.00
C LYS B 133 -25.61 -10.61 2.65
N GLU B 134 -26.29 -9.47 2.56
CA GLU B 134 -26.90 -9.05 1.32
C GLU B 134 -25.83 -8.72 0.29
N ALA B 135 -24.75 -8.10 0.75
CA ALA B 135 -23.62 -7.74 -0.10
C ALA B 135 -22.29 -7.62 0.67
N ALA B 136 -21.20 -7.76 -0.07
CA ALA B 136 -19.85 -7.56 0.47
C ALA B 136 -19.16 -6.45 -0.29
N VAL B 137 -18.70 -5.44 0.45
CA VAL B 137 -18.02 -4.31 -0.16
C VAL B 137 -16.51 -4.43 0.05
N ILE B 138 -15.77 -4.32 -1.05
CA ILE B 138 -14.32 -4.43 -1.01
C ILE B 138 -13.65 -3.27 -1.71
N PRO B 139 -12.96 -2.43 -0.96
CA PRO B 139 -12.19 -1.38 -1.61
C PRO B 139 -11.10 -2.00 -2.45
N ILE B 140 -10.83 -1.44 -3.63
CA ILE B 140 -9.78 -1.95 -4.50
C ILE B 140 -8.81 -0.83 -4.83
N GLU B 141 -7.57 -0.94 -4.36
CA GLU B 141 -6.58 0.06 -4.73
C GLU B 141 -5.89 -0.40 -5.99
N MET B 142 -6.21 0.28 -7.09
CA MET B 142 -5.69 -0.07 -8.41
C MET B 142 -4.30 0.51 -8.65
N GLY B 143 -3.69 1.02 -7.59
CA GLY B 143 -2.40 1.67 -7.67
C GLY B 143 -2.44 2.67 -6.55
N TYR B 144 -1.29 3.25 -6.21
CA TYR B 144 -1.23 4.15 -5.07
C TYR B 144 -2.33 5.21 -5.15
N GLY B 145 -3.19 5.26 -4.13
CA GLY B 145 -4.30 6.21 -4.08
C GLY B 145 -5.35 6.06 -5.18
N HIS B 146 -5.20 5.07 -6.06
CA HIS B 146 -6.17 4.90 -7.12
C HIS B 146 -7.31 4.00 -6.61
N TRP B 147 -8.15 4.58 -5.77
CA TRP B 147 -9.19 3.82 -5.08
C TRP B 147 -10.44 3.58 -5.94
N THR B 148 -10.88 2.34 -6.00
CA THR B 148 -12.08 1.93 -6.74
C THR B 148 -12.86 1.00 -5.83
N VAL B 149 -14.00 0.49 -6.29
CA VAL B 149 -14.77 -0.41 -5.45
C VAL B 149 -15.37 -1.61 -6.19
N LEU B 150 -15.35 -2.76 -5.50
CA LEU B 150 -15.98 -3.96 -5.98
C LEU B 150 -16.98 -4.40 -4.94
N VAL B 151 -18.22 -4.65 -5.36
CA VAL B 151 -19.26 -5.16 -4.47
C VAL B 151 -19.76 -6.53 -4.93
N ALA B 152 -19.77 -7.48 -4.00
CA ALA B 152 -20.15 -8.86 -4.31
C ALA B 152 -21.58 -9.17 -3.84
N LYS B 153 -22.36 -9.79 -4.71
CA LYS B 153 -23.71 -10.20 -4.39
C LYS B 153 -23.96 -11.63 -4.86
N TYR B 154 -24.90 -12.29 -4.20
CA TYR B 154 -25.15 -13.70 -4.46
C TYR B 154 -26.62 -13.97 -4.74
N ASP B 155 -26.91 -14.68 -5.81
CA ASP B 155 -28.28 -15.12 -6.05
C ASP B 155 -28.42 -16.57 -5.66
N LYS B 156 -29.07 -16.84 -4.54
CA LYS B 156 -29.23 -18.20 -4.03
C LYS B 156 -29.91 -19.08 -5.07
N LYS B 157 -30.94 -18.54 -5.70
CA LYS B 157 -31.70 -19.26 -6.71
C LYS B 157 -30.83 -19.65 -7.90
N ASP B 158 -30.18 -18.67 -8.50
CA ASP B 158 -29.36 -18.91 -9.69
C ASP B 158 -28.01 -19.53 -9.34
N ASN B 159 -27.69 -19.55 -8.05
CA ASN B 159 -26.35 -19.89 -7.55
C ASN B 159 -25.27 -19.03 -8.23
N GLN B 160 -25.59 -17.75 -8.44
CA GLN B 160 -24.68 -16.85 -9.15
C GLN B 160 -24.07 -15.81 -8.23
N ILE B 161 -22.76 -15.67 -8.32
CA ILE B 161 -22.08 -14.54 -7.71
C ILE B 161 -22.12 -13.43 -8.74
N ILE B 162 -22.46 -12.22 -8.31
CA ILE B 162 -22.39 -11.07 -9.19
C ILE B 162 -21.47 -10.00 -8.60
N LEU B 163 -20.49 -9.58 -9.38
CA LEU B 163 -19.52 -8.58 -8.92
C LEU B 163 -19.78 -7.23 -9.58
N THR B 164 -19.98 -6.19 -8.77
CA THR B 164 -20.21 -4.87 -9.34
C THR B 164 -19.05 -3.93 -9.08
N PHE B 165 -18.58 -3.27 -10.14
CA PHE B 165 -17.37 -2.46 -10.08
C PHE B 165 -17.63 -1.04 -10.54
N ASN B 166 -16.97 -0.09 -9.89
CA ASN B 166 -16.81 1.25 -10.47
C ASN B 166 -15.53 1.97 -10.08
N ASP B 167 -14.96 2.67 -11.05
CA ASP B 167 -13.82 3.54 -10.84
C ASP B 167 -14.31 4.94 -11.12
N SER B 168 -14.23 5.83 -10.14
CA SER B 168 -14.66 7.20 -10.34
C SER B 168 -13.82 7.97 -11.38
N LEU B 169 -12.61 7.51 -11.65
CA LEU B 169 -11.83 8.17 -12.70
C LEU B 169 -12.35 7.83 -14.10
N GLY B 170 -13.16 6.78 -14.19
CA GLY B 170 -13.73 6.40 -15.48
C GLY B 170 -13.05 5.21 -16.12
N ASN B 171 -11.96 4.73 -15.54
CA ASN B 171 -11.27 3.56 -16.10
C ASN B 171 -12.15 2.31 -15.94
N SER B 172 -11.94 1.33 -16.81
CA SER B 172 -12.74 0.14 -16.74
C SER B 172 -12.10 -0.85 -15.76
N ILE B 173 -12.83 -1.91 -15.46
CA ILE B 173 -12.34 -2.93 -14.55
C ILE B 173 -11.10 -3.65 -15.09
N ASN B 174 -10.82 -3.46 -16.38
CA ASN B 174 -9.64 -4.04 -17.03
C ASN B 174 -8.40 -3.16 -16.91
N TYR B 175 -8.50 -2.08 -16.15
CA TYR B 175 -7.38 -1.18 -15.95
C TYR B 175 -6.03 -1.89 -15.70
N ASP B 176 -4.96 -1.35 -16.27
CA ASP B 176 -3.61 -1.82 -15.97
C ASP B 176 -3.41 -3.32 -16.20
N GLY B 177 -3.85 -3.82 -17.36
CA GLY B 177 -3.52 -5.18 -17.75
C GLY B 177 -4.43 -6.26 -17.21
N GLN B 178 -5.66 -5.85 -16.89
CA GLN B 178 -6.69 -6.76 -16.41
C GLN B 178 -6.34 -7.47 -15.10
N LYS B 179 -5.46 -6.87 -14.30
CA LYS B 179 -5.07 -7.49 -13.03
C LYS B 179 -6.26 -7.89 -12.16
N LEU B 180 -7.28 -7.06 -12.12
CA LEU B 180 -8.42 -7.37 -11.28
C LEU B 180 -9.24 -8.55 -11.82
N PRO B 181 -9.65 -8.50 -13.10
CA PRO B 181 -10.43 -9.65 -13.59
C PRO B 181 -9.64 -10.96 -13.56
N LYS B 182 -8.32 -10.86 -13.68
CA LYS B 182 -7.48 -12.04 -13.58
C LYS B 182 -7.50 -12.58 -12.15
N LEU B 183 -7.42 -11.68 -11.16
CA LEU B 183 -7.52 -12.12 -9.77
C LEU B 183 -8.87 -12.77 -9.50
N ILE B 184 -9.92 -12.18 -10.07
CA ILE B 184 -11.26 -12.72 -9.95
C ILE B 184 -11.32 -14.10 -10.57
N ASP B 185 -10.77 -14.26 -11.77
CA ASP B 185 -10.81 -15.54 -12.44
C ASP B 185 -10.03 -16.61 -11.68
N LYS B 186 -8.81 -16.28 -11.27
CA LYS B 186 -7.99 -17.24 -10.53
C LYS B 186 -8.68 -17.68 -9.24
N THR B 187 -9.35 -16.75 -8.57
CA THR B 187 -9.91 -17.03 -7.26
C THR B 187 -11.25 -17.74 -7.37
N LEU B 188 -12.06 -17.30 -8.33
CA LEU B 188 -13.48 -17.66 -8.35
C LEU B 188 -13.92 -18.35 -9.64
N GLY B 189 -13.03 -18.41 -10.63
CA GLY B 189 -13.38 -18.97 -11.93
C GLY B 189 -13.86 -20.40 -11.90
N ASN B 190 -13.44 -21.13 -10.86
CA ASN B 190 -13.76 -22.54 -10.67
C ASN B 190 -15.05 -22.80 -9.89
N LEU B 191 -15.87 -21.78 -9.70
CA LEU B 191 -17.20 -21.98 -9.13
C LEU B 191 -18.08 -22.70 -10.15
N PRO B 192 -19.22 -23.27 -9.71
CA PRO B 192 -20.11 -23.89 -10.69
C PRO B 192 -20.57 -22.86 -11.72
N ASN B 193 -21.04 -21.72 -11.25
CA ASN B 193 -21.37 -20.64 -12.15
C ASN B 193 -20.30 -19.56 -12.11
N LYS B 194 -19.77 -19.27 -13.29
CA LYS B 194 -18.76 -18.25 -13.48
C LYS B 194 -19.32 -16.93 -13.01
N PRO B 195 -18.58 -16.21 -12.14
CA PRO B 195 -19.04 -14.92 -11.63
C PRO B 195 -19.40 -13.95 -12.75
N ILE B 196 -20.44 -13.17 -12.51
CA ILE B 196 -20.82 -12.13 -13.46
C ILE B 196 -20.23 -10.79 -13.02
N ILE B 197 -19.67 -10.07 -13.99
CA ILE B 197 -19.03 -8.79 -13.76
C ILE B 197 -19.86 -7.67 -14.34
N ILE B 198 -20.31 -6.77 -13.46
CA ILE B 198 -20.95 -5.54 -13.87
C ILE B 198 -19.99 -4.37 -13.66
N ASP B 199 -19.54 -3.75 -14.75
CA ASP B 199 -18.66 -2.60 -14.69
C ASP B 199 -19.46 -1.39 -15.14
N GLU B 200 -19.89 -0.60 -14.16
CA GLU B 200 -20.74 0.58 -14.40
C GLU B 200 -20.13 1.59 -15.36
N GLN B 201 -18.81 1.57 -15.50
CA GLN B 201 -18.03 2.63 -16.16
C GLN B 201 -18.61 4.03 -16.07
N THR B 202 -18.76 4.49 -14.84
CA THR B 202 -19.30 5.81 -14.56
C THR B 202 -18.20 6.74 -14.09
N LYS B 203 -17.74 7.59 -14.99
CA LYS B 203 -16.79 8.63 -14.64
C LYS B 203 -17.53 9.66 -13.80
N GLN B 204 -16.95 9.99 -12.65
CA GLN B 204 -17.61 10.83 -11.68
C GLN B 204 -16.72 12.04 -11.40
N GLN B 205 -15.41 11.82 -11.45
CA GLN B 205 -14.47 12.85 -11.13
C GLN B 205 -13.10 12.50 -11.65
N THR B 206 -12.44 13.44 -12.32
CA THR B 206 -11.15 13.16 -12.93
C THR B 206 -9.93 13.43 -12.05
N ASP B 207 -10.14 13.70 -10.78
CA ASP B 207 -9.01 13.91 -9.87
C ASP B 207 -8.84 12.73 -8.95
N GLN B 208 -7.65 12.10 -8.99
CA GLN B 208 -7.34 10.97 -8.11
C GLN B 208 -7.70 11.28 -6.67
N SER B 209 -7.47 12.53 -6.27
CA SER B 209 -7.75 12.97 -4.92
C SER B 209 -9.16 12.56 -4.48
N ALA B 210 -10.07 12.45 -5.45
CA ALA B 210 -11.47 12.16 -5.16
C ALA B 210 -11.84 10.67 -5.18
N CYS B 211 -10.90 9.82 -5.57
CA CYS B 211 -11.13 8.37 -5.68
C CYS B 211 -11.67 7.77 -4.40
N GLY B 212 -11.12 8.19 -3.27
CA GLY B 212 -11.58 7.67 -2.00
C GLY B 212 -12.96 8.14 -1.68
N VAL B 213 -13.24 9.40 -2.04
CA VAL B 213 -14.54 10.01 -1.80
C VAL B 213 -15.63 9.22 -2.48
N PHE B 214 -15.43 8.94 -3.76
CA PHE B 214 -16.43 8.22 -4.53
C PHE B 214 -16.43 6.71 -4.28
N THR B 215 -15.28 6.14 -3.96
CA THR B 215 -15.23 4.74 -3.61
C THR B 215 -16.22 4.51 -2.50
N VAL B 216 -16.14 5.34 -1.47
CA VAL B 216 -17.03 5.25 -0.32
C VAL B 216 -18.50 5.43 -0.70
N ASP B 217 -18.81 6.48 -1.46
CA ASP B 217 -20.20 6.70 -1.80
C ASP B 217 -20.75 5.57 -2.70
N ASN B 218 -19.96 5.15 -3.68
CA ASN B 218 -20.35 4.04 -4.56
C ASN B 218 -20.56 2.73 -3.81
N GLY B 219 -19.66 2.45 -2.87
CA GLY B 219 -19.70 1.21 -2.11
C GLY B 219 -21.02 1.08 -1.38
N ILE B 220 -21.38 2.14 -0.66
CA ILE B 220 -22.63 2.20 0.09
C ILE B 220 -23.81 1.95 -0.83
N LYS B 221 -23.88 2.75 -1.88
CA LYS B 221 -25.05 2.76 -2.73
C LYS B 221 -25.24 1.45 -3.49
N ILE B 222 -24.17 0.95 -4.10
CA ILE B 222 -24.22 -0.36 -4.74
C ILE B 222 -24.61 -1.44 -3.72
N ALA B 223 -24.10 -1.35 -2.51
CA ALA B 223 -24.45 -2.32 -1.48
C ALA B 223 -25.93 -2.31 -1.19
N LYS B 224 -26.53 -1.11 -1.20
CA LYS B 224 -27.96 -0.95 -0.89
C LYS B 224 -28.84 -1.02 -2.14
N GLY B 225 -28.26 -1.44 -3.26
CA GLY B 225 -29.00 -1.52 -4.51
C GLY B 225 -29.58 -0.17 -4.91
N GLN B 226 -28.80 0.88 -4.69
CA GLN B 226 -29.20 2.23 -5.07
C GLN B 226 -28.31 2.68 -6.20
N ALA B 227 -28.80 3.58 -7.02
CA ALA B 227 -28.03 4.04 -8.15
C ALA B 227 -26.90 4.91 -7.65
N ILE B 228 -25.78 4.88 -8.35
CA ILE B 228 -24.68 5.73 -7.97
C ILE B 228 -24.79 7.08 -8.65
N LEU B 229 -24.09 8.05 -8.08
CA LEU B 229 -24.06 9.39 -8.63
C LEU B 229 -23.65 9.35 -10.09
N SER B 230 -24.54 9.83 -10.96
CA SER B 230 -24.20 9.92 -12.39
C SER B 230 -23.03 10.89 -12.61
N THR B 231 -22.49 10.85 -13.82
CA THR B 231 -21.50 11.83 -14.23
C THR B 231 -22.02 13.26 -14.04
N GLU B 232 -23.27 13.50 -14.44
CA GLU B 232 -23.87 14.82 -14.35
C GLU B 232 -24.08 15.23 -12.90
N GLU B 233 -24.44 14.27 -12.06
CA GLU B 233 -24.66 14.54 -10.63
C GLU B 233 -23.34 14.76 -9.91
N SER B 234 -22.26 14.27 -10.52
CA SER B 234 -20.97 14.24 -9.85
C SER B 234 -20.17 15.47 -10.19
N LYS B 235 -20.73 16.30 -11.07
CA LYS B 235 -20.03 17.47 -11.57
C LYS B 235 -19.85 18.55 -10.49
N GLY B 236 -18.86 19.42 -10.71
CA GLY B 236 -18.67 20.58 -9.85
C GLY B 236 -18.09 20.27 -8.49
N GLU B 237 -18.73 20.83 -7.46
CA GLU B 237 -18.27 20.71 -6.08
C GLU B 237 -18.92 19.54 -5.35
N LYS B 238 -19.49 18.60 -6.11
CA LYS B 238 -20.10 17.44 -5.49
C LYS B 238 -19.07 16.67 -4.67
N GLY B 239 -17.89 16.48 -5.25
CA GLY B 239 -16.80 15.79 -4.59
C GLY B 239 -16.47 16.45 -3.26
N LEU B 240 -16.27 17.77 -3.30
CA LEU B 240 -15.96 18.54 -2.10
C LEU B 240 -17.02 18.35 -1.05
N ARG B 241 -18.27 18.41 -1.47
CA ARG B 241 -19.38 18.37 -0.52
C ARG B 241 -19.46 17.03 0.16
N LEU B 242 -19.36 15.97 -0.64
CA LEU B 242 -19.26 14.62 -0.09
C LEU B 242 -18.10 14.50 0.89
N ARG B 243 -16.94 15.05 0.51
CA ARG B 243 -15.78 15.07 1.39
C ARG B 243 -16.09 15.78 2.74
N GLU B 244 -16.68 16.97 2.68
CA GLU B 244 -17.08 17.70 3.91
C GLU B 244 -18.05 16.87 4.75
N HIS B 245 -19.02 16.25 4.06
CA HIS B 245 -19.95 15.29 4.64
C HIS B 245 -19.21 14.16 5.36
N HIS B 246 -18.34 13.47 4.63
CA HIS B 246 -17.53 12.38 5.19
C HIS B 246 -16.72 12.80 6.41
N ALA B 247 -16.12 13.98 6.32
CA ALA B 247 -15.37 14.52 7.45
C ALA B 247 -16.28 14.68 8.65
N GLN B 248 -17.54 15.05 8.40
CA GLN B 248 -18.48 15.27 9.49
C GLN B 248 -18.89 13.97 10.17
N ILE B 249 -19.22 12.94 9.40
CA ILE B 249 -19.49 11.65 10.03
C ILE B 249 -18.23 11.11 10.70
N LEU B 250 -17.05 11.45 10.15
CA LEU B 250 -15.79 11.06 10.76
C LEU B 250 -15.57 11.70 12.15
N THR B 251 -15.72 13.02 12.27
CA THR B 251 -15.56 13.66 13.59
C THR B 251 -16.62 13.12 14.56
N ASP B 252 -17.78 12.78 14.02
CA ASP B 252 -18.87 12.20 14.79
C ASP B 252 -18.48 10.84 15.38
N ALA B 253 -17.33 10.33 14.95
CA ALA B 253 -16.72 9.14 15.54
C ALA B 253 -15.20 9.33 15.84
N MET B 254 -14.40 9.53 14.78
CA MET B 254 -12.93 9.66 14.90
C MET B 254 -12.37 10.89 14.18
N PHE B 255 -11.79 11.81 14.96
CA PHE B 255 -11.48 13.16 14.50
C PHE B 255 -10.15 13.33 13.74
N LYS B 256 -9.15 12.51 14.04
CA LYS B 256 -7.86 12.62 13.37
C LYS B 256 -8.02 12.44 11.87
N GLN B 257 -8.82 11.46 11.49
CA GLN B 257 -9.05 11.16 10.08
C GLN B 257 -9.75 12.32 9.35
N ASP B 258 -10.64 12.99 10.07
CA ASP B 258 -11.35 14.13 9.51
C ASP B 258 -10.39 15.28 9.17
N ALA B 259 -9.46 15.53 10.10
CA ALA B 259 -8.44 16.56 9.88
C ALA B 259 -7.66 16.19 8.65
N GLN B 260 -7.37 14.89 8.52
CA GLN B 260 -6.66 14.37 7.35
C GLN B 260 -7.42 14.73 6.07
N TRP B 261 -8.74 14.49 6.06
CA TRP B 261 -9.59 14.73 4.89
C TRP B 261 -9.62 16.19 4.39
N ILE B 262 -9.54 17.15 5.32
CA ILE B 262 -9.66 18.56 4.96
C ILE B 262 -8.34 19.28 4.64
N ARG B 263 -7.32 18.52 4.23
CA ARG B 263 -6.04 19.10 3.81
C ARG B 263 -5.96 19.29 2.27
N GLN B 264 -4.85 19.86 1.78
CA GLN B 264 -4.80 20.36 0.39
C GLN B 264 -4.11 19.48 -0.67
N GLN B 265 -2.76 19.47 -0.64
CA GLN B 265 -1.80 18.73 -1.50
C GLN B 265 -0.61 19.65 -1.87
#